data_3ZM5
#
_entry.id   3ZM5
#
_cell.length_a   119.177
_cell.length_b   119.177
_cell.length_c   160.680
_cell.angle_alpha   90.00
_cell.angle_beta   90.00
_cell.angle_gamma   120.00
#
_symmetry.space_group_name_H-M   'P 61 2 2'
#
loop_
_entity.id
_entity.type
_entity.pdbx_description
1 polymer 'UDP-N-ACETYLMURAMOYL-TRIPEPTIDE--D-ALANYL-D-ALANINE LIGASE'
2 non-polymer 2,4-bis(chloranyl)-N-[3-cyano-6-[(4-hydroxyphenyl)methyl]-5,7-dihydro-4H-thieno[2,3-c]pyridin-2-yl]-5-morpholin-4-ylsulfonyl-benzamide
3 water water
#
_entity_poly.entity_id   1
_entity_poly.type   'polypeptide(L)'
_entity_poly.pdbx_seq_one_letter_code
;MKLTIHEIAQVVGAKNDISIFEDTQLEKAEFDSRLIGTGDLFVPLKGARDGHDFIETAFENGAAVTLSEKEVSNHPYILV
DDVLTAFQSLASYYLEKTTVDVFAVTGSNGKTTTKDMLAHLLSTRYKTYKTQGNYNNEIGLPYTVLHMPEGTEKLVLEMG
QDHLGDIHLLSELARPKTAIVTLVGEAHLAFFKDRSEIAKGKMQIADGMASGSLLLAPADPIVEDYLPIDKKVVRFGQGA
ELEITDLVERKDSLTFKANFLEQALDLPVTGKYNATNAMIASYVALQEGVSEEQIRLAFQHLELTRNRTEWKKAANGADI
LSDVYNANPTAMKLILETFSAIPANEGGKKIAVLADMKELGDQSVQLHNQMILSLSPDVLDIVIFYGEDIAQLAQLASQM
FPIGHVYYFKKTEDQDQFEDLVKQVKESLGAHDQILLKGSNSMNLAKLVESLENEDKRSHHHHHH
;
_entity_poly.pdbx_strand_id   A
#
loop_
_chem_comp.id
_chem_comp.type
_chem_comp.name
_chem_comp.formula
IGM non-polymer 2,4-bis(chloranyl)-N-[3-cyano-6-[(4-hydroxyphenyl)methyl]-5,7-dihydro-4H-thieno[2,3-c]pyridin-2-yl]-5-morpholin-4-ylsulfonyl-benzamide 'C26 H24 Cl2 N4 O5 S2'
#
# COMPACT_ATOMS: atom_id res chain seq x y z
N MET A 1 18.26 -12.13 0.25
CA MET A 1 18.89 -10.81 -0.04
C MET A 1 20.42 -10.94 -0.01
N LYS A 2 21.03 -11.18 -1.17
CA LYS A 2 22.48 -11.32 -1.24
C LYS A 2 23.17 -9.95 -1.22
N LEU A 3 23.41 -9.43 -0.02
CA LEU A 3 24.05 -8.13 0.16
C LEU A 3 24.98 -8.10 1.39
N THR A 4 26.19 -7.54 1.23
CA THR A 4 27.10 -7.32 2.36
C THR A 4 27.19 -5.83 2.72
N ILE A 5 27.63 -5.52 3.94
CA ILE A 5 27.63 -4.12 4.41
C ILE A 5 28.55 -3.20 3.58
N HIS A 6 29.73 -3.70 3.19
CA HIS A 6 30.71 -2.93 2.40
C HIS A 6 30.21 -2.61 1.03
N GLU A 7 29.42 -3.52 0.50
CA GLU A 7 28.75 -3.36 -0.79
C GLU A 7 27.61 -2.36 -0.63
N ILE A 8 26.89 -2.48 0.48
CA ILE A 8 25.82 -1.56 0.82
C ILE A 8 26.34 -0.15 0.96
N ALA A 9 27.56 -0.02 1.48
CA ALA A 9 28.14 1.29 1.73
C ALA A 9 28.74 1.91 0.47
N GLN A 10 28.96 1.11 -0.56
CA GLN A 10 29.38 1.65 -1.84
C GLN A 10 28.19 2.25 -2.56
N VAL A 11 27.27 1.36 -2.93
CA VAL A 11 26.06 1.77 -3.62
C VAL A 11 25.40 2.95 -2.88
N VAL A 12 25.47 2.92 -1.55
CA VAL A 12 24.69 3.86 -0.78
C VAL A 12 25.38 5.21 -0.60
N GLY A 13 26.70 5.21 -0.71
CA GLY A 13 27.49 6.45 -0.61
C GLY A 13 27.99 6.77 0.79
N ALA A 14 28.09 5.74 1.64
CA ALA A 14 28.46 5.92 3.04
C ALA A 14 29.37 7.12 3.30
N LYS A 15 28.96 7.96 4.25
CA LYS A 15 29.64 9.21 4.56
C LYS A 15 30.71 8.95 5.65
N ASN A 16 30.69 7.73 6.21
CA ASN A 16 31.59 7.36 7.29
C ASN A 16 32.64 6.36 6.86
N ASP A 17 33.60 6.15 7.76
CA ASP A 17 34.66 5.16 7.60
C ASP A 17 34.07 3.77 7.79
N ILE A 18 34.01 3.01 6.71
CA ILE A 18 33.25 1.75 6.72
C ILE A 18 34.07 0.50 7.05
N SER A 19 35.33 0.48 6.63
CA SER A 19 36.18 -0.68 6.84
C SER A 19 36.54 -0.86 8.32
N ILE A 20 35.78 -0.21 9.21
CA ILE A 20 35.97 -0.35 10.68
C ILE A 20 35.23 -1.56 11.23
N PHE A 21 34.13 -1.92 10.55
CA PHE A 21 33.31 -3.06 10.95
C PHE A 21 33.40 -4.16 9.90
N GLU A 22 33.37 -5.42 10.36
CA GLU A 22 33.43 -6.58 9.47
C GLU A 22 32.32 -6.65 8.40
N ASP A 23 32.71 -7.02 7.20
CA ASP A 23 31.81 -7.05 6.05
C ASP A 23 30.99 -8.33 6.05
N THR A 24 29.90 -8.33 6.81
CA THR A 24 29.10 -9.53 6.96
C THR A 24 27.97 -9.60 5.93
N GLN A 25 27.65 -10.82 5.49
CA GLN A 25 26.55 -11.04 4.54
C GLN A 25 25.20 -10.82 5.21
N LEU A 26 24.46 -9.83 4.74
CA LEU A 26 23.19 -9.48 5.35
C LEU A 26 22.11 -10.52 5.09
N GLU A 27 20.98 -10.35 5.75
CA GLU A 27 19.91 -11.31 5.64
C GLU A 27 18.63 -10.64 5.20
N LYS A 28 17.92 -10.03 6.15
CA LYS A 28 16.70 -9.32 5.85
C LYS A 28 16.87 -7.83 6.17
N ALA A 29 16.14 -6.97 5.44
CA ALA A 29 16.13 -5.51 5.67
C ALA A 29 14.77 -5.03 6.22
N GLU A 30 14.79 -4.31 7.34
CA GLU A 30 13.54 -3.89 7.99
C GLU A 30 13.56 -2.49 8.60
N PHE A 31 12.45 -1.79 8.46
CA PHE A 31 12.28 -0.52 9.17
C PHE A 31 11.45 -0.62 10.46
N ASP A 32 10.74 -1.74 10.63
CA ASP A 32 9.86 -1.94 11.79
C ASP A 32 10.59 -2.82 12.79
N SER A 33 11.16 -2.21 13.83
CA SER A 33 12.05 -2.93 14.78
C SER A 33 11.58 -4.34 15.18
N ARG A 34 10.28 -4.48 15.38
CA ARG A 34 9.71 -5.74 15.79
C ARG A 34 10.02 -6.90 14.85
N LEU A 35 10.47 -6.60 13.63
CA LEU A 35 10.68 -7.64 12.60
C LEU A 35 12.14 -8.05 12.44
N ILE A 36 13.03 -7.30 13.08
CA ILE A 36 14.46 -7.55 13.01
C ILE A 36 14.79 -8.92 13.61
N GLY A 37 15.60 -9.69 12.90
CA GLY A 37 16.19 -10.92 13.43
C GLY A 37 17.70 -10.73 13.50
N THR A 38 18.46 -11.82 13.61
CA THR A 38 19.92 -11.71 13.51
C THR A 38 20.32 -11.48 12.06
N GLY A 39 21.34 -10.65 11.85
CA GLY A 39 21.90 -10.39 10.53
C GLY A 39 21.13 -9.40 9.68
N ASP A 40 20.24 -8.63 10.31
CA ASP A 40 19.33 -7.78 9.56
C ASP A 40 19.79 -6.33 9.47
N LEU A 41 19.44 -5.67 8.36
CA LEU A 41 19.75 -4.26 8.18
C LEU A 41 18.56 -3.40 8.58
N PHE A 42 18.79 -2.55 9.57
CA PHE A 42 17.77 -1.61 10.01
C PHE A 42 17.80 -0.37 9.13
N VAL A 43 16.62 0.14 8.81
CA VAL A 43 16.50 1.33 8.02
C VAL A 43 15.50 2.29 8.68
N PRO A 44 16.03 3.24 9.47
CA PRO A 44 15.23 4.10 10.32
C PRO A 44 14.59 5.27 9.56
N LEU A 45 13.28 5.24 9.38
CA LEU A 45 12.62 6.28 8.61
C LEU A 45 11.83 7.28 9.47
N LYS A 46 11.47 8.42 8.86
CA LYS A 46 10.56 9.39 9.47
C LYS A 46 9.11 8.87 9.58
N GLY A 47 8.82 8.18 10.66
CA GLY A 47 7.46 7.72 10.92
C GLY A 47 6.79 8.59 11.95
N ALA A 48 5.82 8.03 12.66
CA ALA A 48 5.20 8.70 13.82
C ALA A 48 6.25 9.27 14.77
N ARG A 49 7.30 8.50 14.97
CA ARG A 49 8.53 8.97 15.57
C ARG A 49 9.65 8.68 14.59
N ASP A 50 10.77 9.36 14.73
CA ASP A 50 11.87 9.09 13.85
C ASP A 50 12.41 7.70 14.08
N GLY A 51 12.80 7.04 13.00
CA GLY A 51 13.39 5.72 13.10
C GLY A 51 14.51 5.65 14.10
N HIS A 52 15.41 6.65 14.06
CA HIS A 52 16.65 6.62 14.83
C HIS A 52 16.46 6.38 16.31
N ASP A 53 15.25 6.62 16.79
CA ASP A 53 14.94 6.35 18.19
C ASP A 53 15.05 4.87 18.50
N PHE A 54 14.79 4.05 17.49
CA PHE A 54 14.72 2.61 17.68
C PHE A 54 15.93 1.86 17.10
N ILE A 55 17.02 2.61 16.85
CA ILE A 55 18.32 2.04 16.53
C ILE A 55 18.84 1.25 17.73
N GLU A 56 18.56 1.80 18.90
CA GLU A 56 18.87 1.17 20.16
C GLU A 56 18.21 -0.19 20.22
N THR A 57 16.90 -0.21 19.97
CA THR A 57 16.10 -1.41 20.12
C THR A 57 16.38 -2.43 19.03
N ALA A 58 16.74 -1.94 17.85
CA ALA A 58 16.94 -2.80 16.66
C ALA A 58 18.06 -3.80 16.87
N PHE A 59 19.14 -3.36 17.51
CA PHE A 59 20.29 -4.22 17.81
C PHE A 59 20.06 -5.20 18.98
N GLU A 60 19.23 -4.81 19.96
CA GLU A 60 18.74 -5.76 20.98
C GLU A 60 18.05 -6.94 20.31
N ASN A 61 17.42 -6.67 19.15
CA ASN A 61 16.75 -7.69 18.32
C ASN A 61 17.66 -8.44 17.33
N GLY A 62 18.91 -7.99 17.18
CA GLY A 62 19.91 -8.74 16.42
C GLY A 62 20.41 -8.14 15.12
N ALA A 63 20.00 -6.91 14.81
CA ALA A 63 20.52 -6.20 13.66
C ALA A 63 22.05 -6.24 13.65
N ALA A 64 22.61 -6.37 12.44
CA ALA A 64 24.06 -6.45 12.27
C ALA A 64 24.64 -5.10 11.90
N VAL A 65 23.81 -4.25 11.32
CA VAL A 65 24.22 -2.93 10.89
C VAL A 65 22.95 -2.15 10.66
N THR A 66 23.05 -0.82 10.70
CA THR A 66 21.89 0.01 10.43
C THR A 66 22.29 1.25 9.65
N LEU A 67 21.37 1.72 8.82
CA LEU A 67 21.55 3.00 8.15
C LEU A 67 21.36 4.11 9.17
N SER A 68 22.17 5.16 9.09
CA SER A 68 22.05 6.23 10.05
C SER A 68 22.33 7.60 9.46
N GLU A 69 21.59 8.59 9.96
CA GLU A 69 21.83 9.96 9.60
C GLU A 69 22.58 10.65 10.74
N LYS A 70 23.27 9.86 11.58
CA LYS A 70 24.15 10.40 12.65
C LYS A 70 25.10 9.39 13.29
N GLU A 71 26.14 9.91 13.94
CA GLU A 71 27.04 9.10 14.77
C GLU A 71 26.29 8.07 15.61
N VAL A 72 26.78 6.83 15.62
CA VAL A 72 26.20 5.79 16.46
C VAL A 72 27.28 5.03 17.19
N SER A 73 27.19 4.97 18.52
CA SER A 73 28.26 4.41 19.35
C SER A 73 28.27 2.88 19.35
N ASN A 74 29.48 2.32 19.32
CA ASN A 74 29.71 0.87 19.33
C ASN A 74 28.67 0.01 18.62
N HIS A 75 28.21 0.48 17.45
CA HIS A 75 27.39 -0.32 16.54
C HIS A 75 27.64 -0.04 15.08
N PRO A 76 27.76 -1.12 14.29
CA PRO A 76 27.90 -1.08 12.84
C PRO A 76 26.82 -0.25 12.16
N TYR A 77 27.22 0.90 11.62
CA TYR A 77 26.28 1.81 10.99
C TYR A 77 26.82 2.36 9.67
N ILE A 78 25.91 2.81 8.82
CA ILE A 78 26.27 3.39 7.52
C ILE A 78 25.80 4.84 7.51
N LEU A 79 26.72 5.77 7.27
CA LEU A 79 26.38 7.19 7.42
C LEU A 79 25.90 7.82 6.11
N VAL A 80 24.70 8.40 6.12
CA VAL A 80 24.10 8.98 4.91
C VAL A 80 23.25 10.22 5.13
N ASP A 81 22.88 10.89 4.04
CA ASP A 81 22.10 12.12 4.12
C ASP A 81 20.61 11.91 4.35
N ASP A 82 20.02 10.98 3.63
CA ASP A 82 18.61 10.64 3.79
C ASP A 82 18.41 9.13 3.72
N VAL A 83 18.28 8.51 4.89
CA VAL A 83 18.01 7.06 4.93
C VAL A 83 17.04 6.57 3.80
N LEU A 84 15.96 7.30 3.55
CA LEU A 84 14.98 6.91 2.54
C LEU A 84 15.62 6.88 1.17
N THR A 85 16.21 8.03 0.80
CA THR A 85 17.00 8.17 -0.43
C THR A 85 18.04 7.05 -0.58
N ALA A 86 18.85 6.84 0.47
CA ALA A 86 19.76 5.70 0.51
C ALA A 86 19.04 4.40 0.18
N PHE A 87 17.90 4.19 0.82
CA PHE A 87 17.11 2.97 0.74
C PHE A 87 16.59 2.73 -0.67
N GLN A 88 16.19 3.80 -1.35
CA GLN A 88 15.77 3.67 -2.72
C GLN A 88 16.97 3.22 -3.55
N SER A 89 18.07 3.98 -3.46
CA SER A 89 19.26 3.64 -4.22
C SER A 89 19.59 2.16 -4.08
N LEU A 90 19.49 1.68 -2.86
CA LEU A 90 19.87 0.32 -2.57
C LEU A 90 19.01 -0.66 -3.38
N ALA A 91 17.75 -0.29 -3.60
CA ALA A 91 16.79 -1.14 -4.28
C ALA A 91 17.00 -1.11 -5.78
N SER A 92 17.20 0.09 -6.31
CA SER A 92 17.55 0.22 -7.70
C SER A 92 18.74 -0.70 -8.04
N TYR A 93 19.79 -0.60 -7.22
CA TYR A 93 21.03 -1.31 -7.46
C TYR A 93 20.84 -2.80 -7.40
N TYR A 94 19.98 -3.26 -6.50
CA TYR A 94 19.73 -4.69 -6.34
C TYR A 94 18.95 -5.27 -7.54
N LEU A 95 18.04 -4.49 -8.09
CA LEU A 95 17.39 -4.86 -9.33
C LEU A 95 18.40 -4.99 -10.47
N GLU A 96 19.28 -4.01 -10.61
CA GLU A 96 20.30 -4.04 -11.66
C GLU A 96 21.26 -5.21 -11.50
N LYS A 97 21.36 -5.76 -10.29
CA LYS A 97 22.32 -6.82 -10.02
C LYS A 97 21.75 -8.20 -10.19
N THR A 98 20.50 -8.40 -9.77
CA THR A 98 19.84 -9.69 -9.95
C THR A 98 19.20 -9.77 -11.33
N THR A 99 18.91 -8.60 -11.90
CA THR A 99 18.39 -8.52 -13.27
C THR A 99 17.04 -9.27 -13.44
N VAL A 100 16.21 -9.26 -12.41
CA VAL A 100 14.90 -9.88 -12.50
C VAL A 100 14.02 -9.15 -13.52
N ASP A 101 13.04 -9.83 -14.11
CA ASP A 101 12.11 -9.17 -15.04
C ASP A 101 11.01 -8.47 -14.25
N VAL A 102 10.92 -7.16 -14.35
CA VAL A 102 9.95 -6.43 -13.55
C VAL A 102 8.72 -6.10 -14.36
N PHE A 103 7.57 -6.32 -13.76
CA PHE A 103 6.30 -6.00 -14.42
C PHE A 103 5.61 -4.96 -13.56
N ALA A 104 5.43 -3.78 -14.10
CA ALA A 104 4.89 -2.72 -13.32
C ALA A 104 3.39 -2.63 -13.56
N VAL A 105 2.64 -2.50 -12.45
CA VAL A 105 1.18 -2.48 -12.46
C VAL A 105 0.69 -1.30 -11.64
N THR A 106 -0.48 -0.75 -11.95
CA THR A 106 -1.09 0.29 -11.12
C THR A 106 -2.41 -0.15 -10.43
N GLY A 107 -3.35 0.79 -10.38
CA GLY A 107 -4.65 0.70 -9.72
C GLY A 107 -5.06 -0.55 -8.99
N SER A 108 -5.08 -0.46 -7.67
CA SER A 108 -5.72 -1.48 -6.84
C SER A 108 -7.17 -1.10 -6.63
N ASN A 109 -8.08 -1.95 -7.06
CA ASN A 109 -9.49 -1.60 -6.98
C ASN A 109 -10.38 -2.74 -6.52
N GLY A 110 -10.21 -3.91 -7.11
CA GLY A 110 -11.17 -5.01 -6.97
C GLY A 110 -11.08 -5.90 -5.74
N LYS A 111 -11.62 -7.10 -5.90
CA LYS A 111 -11.55 -8.15 -4.89
C LYS A 111 -10.17 -8.83 -5.00
N THR A 112 -9.64 -8.80 -6.23
CA THR A 112 -8.35 -9.35 -6.62
C THR A 112 -7.71 -8.39 -7.63
N THR A 113 -6.52 -7.88 -7.35
CA THR A 113 -5.90 -6.83 -8.18
C THR A 113 -5.20 -7.37 -9.44
N THR A 114 -4.92 -6.50 -10.39
CA THR A 114 -4.15 -6.95 -11.53
C THR A 114 -2.76 -7.38 -11.09
N LYS A 115 -2.31 -6.88 -9.96
CA LYS A 115 -1.03 -7.30 -9.40
C LYS A 115 -1.12 -8.76 -8.90
N ASP A 116 -2.20 -9.09 -8.22
CA ASP A 116 -2.41 -10.43 -7.72
C ASP A 116 -2.60 -11.41 -8.84
N MET A 117 -3.57 -11.13 -9.72
CA MET A 117 -3.82 -11.98 -10.87
C MET A 117 -2.55 -12.32 -11.64
N LEU A 118 -1.83 -11.30 -12.09
CA LEU A 118 -0.62 -11.52 -12.89
C LEU A 118 0.47 -12.36 -12.21
N ALA A 119 0.83 -12.02 -10.98
CA ALA A 119 1.74 -12.85 -10.17
C ALA A 119 1.29 -14.30 -10.18
N HIS A 120 0.01 -14.51 -9.89
CA HIS A 120 -0.52 -15.86 -9.83
C HIS A 120 -0.33 -16.60 -11.13
N LEU A 121 -0.52 -15.88 -12.23
CA LEU A 121 -0.37 -16.47 -13.56
C LEU A 121 1.10 -16.81 -13.82
N LEU A 122 1.96 -15.82 -13.72
CA LEU A 122 3.39 -16.04 -13.85
C LEU A 122 3.93 -17.20 -12.96
N SER A 123 3.29 -17.44 -11.81
CA SER A 123 3.74 -18.46 -10.82
C SER A 123 3.60 -19.90 -11.28
N THR A 124 2.79 -20.09 -12.32
CA THR A 124 2.53 -21.42 -12.85
C THR A 124 3.71 -21.90 -13.67
N ARG A 125 4.55 -20.97 -14.09
CA ARG A 125 5.64 -21.31 -14.98
C ARG A 125 6.98 -20.83 -14.48
N TYR A 126 7.00 -19.70 -13.77
CA TYR A 126 8.25 -19.12 -13.26
C TYR A 126 8.20 -18.88 -11.76
N LYS A 127 9.38 -18.80 -11.15
CA LYS A 127 9.53 -18.42 -9.76
C LYS A 127 9.16 -16.96 -9.61
N THR A 128 8.10 -16.67 -8.88
CA THR A 128 7.55 -15.31 -8.84
C THR A 128 7.49 -14.67 -7.44
N TYR A 129 7.83 -13.38 -7.38
CA TYR A 129 7.56 -12.57 -6.19
C TYR A 129 6.77 -11.34 -6.58
N LYS A 130 6.12 -10.71 -5.59
CA LYS A 130 5.29 -9.54 -5.85
C LYS A 130 5.17 -8.65 -4.68
N THR A 131 4.68 -7.44 -4.92
CA THR A 131 4.28 -6.54 -3.85
C THR A 131 3.31 -7.24 -2.89
N GLN A 132 3.60 -7.15 -1.60
CA GLN A 132 2.81 -7.75 -0.53
C GLN A 132 1.89 -6.69 0.02
N GLY A 133 0.64 -7.04 0.24
CA GLY A 133 -0.30 -6.10 0.85
C GLY A 133 -0.36 -4.84 0.02
N ASN A 134 -0.17 -3.68 0.65
CA ASN A 134 -0.21 -2.39 -0.06
C ASN A 134 1.09 -1.57 -0.06
N TYR A 135 2.22 -2.28 -0.07
CA TYR A 135 3.55 -1.70 -0.14
C TYR A 135 3.88 -1.30 -1.58
N ASN A 136 3.31 -0.18 -2.01
CA ASN A 136 3.40 0.25 -3.40
C ASN A 136 3.97 1.64 -3.62
N ASN A 137 4.58 2.24 -2.60
CA ASN A 137 5.03 3.64 -2.76
C ASN A 137 6.55 3.79 -2.62
N GLU A 138 7.02 4.99 -2.29
CA GLU A 138 8.45 5.24 -2.22
C GLU A 138 9.11 4.56 -1.02
N ILE A 139 8.32 4.18 -0.02
CA ILE A 139 8.79 3.25 0.99
C ILE A 139 8.51 1.81 0.53
N GLY A 140 7.29 1.57 0.04
CA GLY A 140 6.80 0.22 -0.25
C GLY A 140 7.54 -0.57 -1.31
N LEU A 141 7.88 0.09 -2.40
CA LEU A 141 8.45 -0.59 -3.54
C LEU A 141 9.88 -1.01 -3.25
N PRO A 142 10.75 -0.09 -2.76
CA PRO A 142 12.11 -0.50 -2.38
C PRO A 142 12.04 -1.72 -1.49
N TYR A 143 11.19 -1.64 -0.46
CA TYR A 143 11.05 -2.72 0.49
C TYR A 143 10.76 -4.07 -0.19
N THR A 144 9.99 -4.04 -1.28
CA THR A 144 9.61 -5.27 -1.94
C THR A 144 10.79 -5.84 -2.64
N VAL A 145 11.45 -4.96 -3.39
CA VAL A 145 12.62 -5.31 -4.16
C VAL A 145 13.66 -5.97 -3.24
N LEU A 146 13.78 -5.48 -2.00
CA LEU A 146 14.81 -6.00 -1.10
C LEU A 146 14.35 -7.22 -0.34
N HIS A 147 13.12 -7.66 -0.60
CA HIS A 147 12.60 -8.87 0.05
C HIS A 147 12.38 -9.97 -0.92
N MET A 148 13.11 -9.90 -2.02
CA MET A 148 12.90 -10.82 -3.12
C MET A 148 13.61 -12.16 -2.83
N PRO A 149 12.85 -13.27 -2.78
CA PRO A 149 13.48 -14.57 -2.50
C PRO A 149 14.58 -14.87 -3.49
N GLU A 150 15.73 -15.29 -2.96
CA GLU A 150 16.89 -15.65 -3.77
C GLU A 150 16.48 -16.52 -4.97
N GLY A 151 16.54 -15.97 -6.18
CA GLY A 151 16.25 -16.77 -7.37
C GLY A 151 14.98 -16.40 -8.13
N THR A 152 14.25 -15.43 -7.60
CA THR A 152 13.06 -14.91 -8.26
C THR A 152 13.35 -14.58 -9.73
N GLU A 153 12.47 -15.05 -10.61
CA GLU A 153 12.69 -14.84 -12.05
C GLU A 153 11.90 -13.65 -12.51
N LYS A 154 10.69 -13.52 -11.97
CA LYS A 154 9.78 -12.42 -12.33
C LYS A 154 9.23 -11.73 -11.08
N LEU A 155 9.10 -10.41 -11.16
CA LEU A 155 8.71 -9.60 -10.02
C LEU A 155 7.61 -8.62 -10.42
N VAL A 156 6.42 -8.84 -9.96
CA VAL A 156 5.28 -7.98 -10.26
C VAL A 156 5.14 -6.84 -9.26
N LEU A 157 5.57 -5.65 -9.63
CA LEU A 157 5.49 -4.48 -8.72
C LEU A 157 4.27 -3.60 -8.95
N GLU A 158 3.56 -3.29 -7.89
CA GLU A 158 2.47 -2.34 -7.98
C GLU A 158 3.04 -0.99 -7.62
N MET A 159 2.62 0.04 -8.35
CA MET A 159 3.05 1.39 -8.08
C MET A 159 1.87 2.28 -7.99
N GLY A 160 1.79 3.01 -6.88
CA GLY A 160 0.71 3.97 -6.64
C GLY A 160 1.22 5.38 -6.41
N GLN A 161 0.31 6.34 -6.44
CA GLN A 161 0.71 7.74 -6.37
C GLN A 161 -0.11 8.52 -5.33
N ASP A 162 0.52 9.45 -4.64
CA ASP A 162 -0.20 10.38 -3.78
C ASP A 162 -0.31 11.73 -4.46
N HIS A 163 0.82 12.21 -4.96
CA HIS A 163 0.87 13.41 -5.77
C HIS A 163 1.25 13.02 -7.17
N LEU A 164 0.98 13.91 -8.12
CA LEU A 164 1.43 13.74 -9.47
C LEU A 164 2.96 13.68 -9.47
N GLY A 165 3.53 12.85 -10.32
CA GLY A 165 4.98 12.78 -10.42
C GLY A 165 5.62 11.69 -9.57
N ASP A 166 4.85 11.08 -8.68
CA ASP A 166 5.37 10.01 -7.81
C ASP A 166 5.69 8.77 -8.61
N ILE A 167 4.83 8.40 -9.55
CA ILE A 167 5.07 7.18 -10.32
C ILE A 167 6.33 7.28 -11.19
N HIS A 168 6.58 8.47 -11.73
CA HIS A 168 7.82 8.73 -12.43
C HIS A 168 8.98 8.25 -11.63
N LEU A 169 9.06 8.67 -10.38
CA LEU A 169 10.12 8.24 -9.47
C LEU A 169 10.38 6.73 -9.50
N LEU A 170 9.31 5.94 -9.46
CA LEU A 170 9.39 4.48 -9.29
C LEU A 170 9.64 3.71 -10.59
N SER A 171 9.16 4.27 -11.69
CA SER A 171 9.39 3.71 -13.00
C SER A 171 10.85 3.94 -13.32
N GLU A 172 11.40 5.02 -12.80
CA GLU A 172 12.82 5.31 -12.94
C GLU A 172 13.64 4.41 -12.04
N LEU A 173 13.07 4.02 -10.90
CA LEU A 173 13.77 3.17 -9.94
C LEU A 173 13.82 1.77 -10.50
N ALA A 174 12.66 1.32 -11.01
CA ALA A 174 12.42 -0.08 -11.30
C ALA A 174 12.73 -0.42 -12.75
N ARG A 175 12.80 0.61 -13.59
CA ARG A 175 13.01 0.42 -15.03
C ARG A 175 12.33 -0.90 -15.50
N PRO A 176 10.98 -0.92 -15.48
CA PRO A 176 10.13 -2.08 -15.79
C PRO A 176 10.44 -2.67 -17.14
N LYS A 177 10.11 -3.94 -17.30
CA LYS A 177 10.01 -4.53 -18.64
C LYS A 177 8.63 -4.23 -19.27
N THR A 178 7.57 -4.36 -18.49
CA THR A 178 6.21 -4.24 -19.00
C THR A 178 5.33 -3.62 -17.95
N ALA A 179 4.31 -2.89 -18.39
CA ALA A 179 3.50 -2.12 -17.50
C ALA A 179 2.04 -2.23 -17.86
N ILE A 180 1.19 -2.14 -16.86
CA ILE A 180 -0.24 -2.14 -17.06
C ILE A 180 -0.77 -0.92 -16.36
N VAL A 181 -1.67 -0.21 -17.04
CA VAL A 181 -2.37 0.90 -16.45
C VAL A 181 -3.85 0.58 -16.37
N THR A 182 -4.41 0.60 -15.16
CA THR A 182 -5.87 0.50 -15.01
C THR A 182 -6.47 1.73 -14.32
N LEU A 183 -7.75 1.97 -14.55
CA LEU A 183 -8.42 3.11 -13.94
C LEU A 183 -9.45 2.71 -12.87
N VAL A 184 -9.26 3.27 -11.67
CA VAL A 184 -10.13 3.01 -10.52
C VAL A 184 -11.15 4.14 -10.36
N GLY A 185 -12.43 3.78 -10.30
CA GLY A 185 -13.51 4.75 -10.08
C GLY A 185 -13.17 5.84 -9.08
N GLU A 186 -13.67 7.05 -9.34
CA GLU A 186 -13.29 8.23 -8.56
C GLU A 186 -14.13 8.52 -7.31
N ALA A 187 -13.47 9.10 -6.30
CA ALA A 187 -14.13 9.68 -5.13
C ALA A 187 -14.56 11.11 -5.50
N HIS A 188 -14.39 12.04 -4.58
CA HIS A 188 -14.34 13.46 -4.94
C HIS A 188 -12.89 13.87 -4.95
N LEU A 189 -12.06 12.85 -5.19
CA LEU A 189 -10.64 12.99 -5.52
C LEU A 189 -9.73 13.04 -4.30
N ALA A 190 -8.44 12.86 -4.55
CA ALA A 190 -7.41 12.98 -3.53
C ALA A 190 -6.66 14.31 -3.67
N PHE A 191 -5.33 14.24 -3.65
CA PHE A 191 -4.46 15.39 -3.87
C PHE A 191 -4.36 15.77 -5.34
N PHE A 192 -5.34 15.36 -6.14
CA PHE A 192 -5.32 15.58 -7.59
C PHE A 192 -6.34 16.61 -8.06
N LYS A 193 -6.11 17.14 -9.27
CA LYS A 193 -6.99 18.13 -9.88
C LYS A 193 -8.24 17.46 -10.44
N ASP A 194 -8.03 16.41 -11.22
CA ASP A 194 -9.10 15.75 -11.95
C ASP A 194 -8.67 14.35 -12.39
N ARG A 195 -9.52 13.69 -13.17
CA ARG A 195 -9.15 12.41 -13.73
C ARG A 195 -7.95 12.56 -14.67
N SER A 196 -7.78 13.76 -15.23
CA SER A 196 -6.70 14.02 -16.19
C SER A 196 -5.33 14.02 -15.52
N GLU A 197 -5.12 14.93 -14.59
CA GLU A 197 -3.87 14.91 -13.87
C GLU A 197 -3.61 13.47 -13.48
N ILE A 198 -4.57 12.81 -12.82
CA ILE A 198 -4.43 11.39 -12.43
C ILE A 198 -3.87 10.51 -13.57
N ALA A 199 -4.59 10.47 -14.68
CA ALA A 199 -4.18 9.65 -15.78
C ALA A 199 -2.80 10.07 -16.25
N LYS A 200 -2.53 11.37 -16.24
CA LYS A 200 -1.22 11.87 -16.65
C LYS A 200 -0.16 11.25 -15.76
N GLY A 201 -0.43 11.31 -14.45
CA GLY A 201 0.47 10.76 -13.46
C GLY A 201 0.55 9.25 -13.56
N LYS A 202 -0.55 8.62 -13.92
CA LYS A 202 -0.53 7.16 -14.02
C LYS A 202 0.29 6.70 -15.20
N MET A 203 0.14 7.39 -16.33
CA MET A 203 0.85 7.06 -17.57
C MET A 203 2.38 7.21 -17.49
N GLN A 204 2.86 7.98 -16.50
CA GLN A 204 4.28 8.08 -16.22
C GLN A 204 4.98 6.74 -16.06
N ILE A 205 4.20 5.67 -15.89
CA ILE A 205 4.73 4.35 -15.55
C ILE A 205 5.77 3.86 -16.56
N ALA A 206 5.73 4.39 -17.78
CA ALA A 206 6.58 3.91 -18.86
C ALA A 206 7.80 4.80 -19.04
N ASP A 207 7.97 5.78 -18.17
CA ASP A 207 9.07 6.74 -18.26
C ASP A 207 10.39 6.01 -18.18
N GLY A 208 10.46 4.98 -17.35
CA GLY A 208 11.68 4.20 -17.19
C GLY A 208 11.69 2.93 -18.02
N MET A 209 10.77 2.81 -18.99
CA MET A 209 10.72 1.69 -19.91
C MET A 209 11.41 1.96 -21.25
N ALA A 210 11.98 0.89 -21.82
CA ALA A 210 12.74 0.92 -23.08
C ALA A 210 11.83 0.97 -24.29
N SER A 211 12.39 1.30 -25.44
CA SER A 211 11.57 1.41 -26.61
C SER A 211 11.07 0.04 -27.03
N GLY A 212 9.89 0.01 -27.64
CA GLY A 212 9.22 -1.23 -28.02
C GLY A 212 8.89 -2.14 -26.87
N SER A 213 8.85 -1.61 -25.64
CA SER A 213 8.37 -2.40 -24.49
C SER A 213 6.87 -2.36 -24.47
N LEU A 214 6.25 -3.32 -23.78
CA LEU A 214 4.80 -3.52 -23.81
C LEU A 214 4.03 -2.76 -22.73
N LEU A 215 3.05 -1.97 -23.15
CA LEU A 215 2.25 -1.22 -22.21
C LEU A 215 0.80 -1.37 -22.57
N LEU A 216 0.02 -1.84 -21.60
CA LEU A 216 -1.40 -1.92 -21.81
C LEU A 216 -2.00 -0.67 -21.24
N ALA A 217 -3.00 -0.14 -21.93
CA ALA A 217 -3.69 1.03 -21.45
C ALA A 217 -5.16 1.05 -21.90
N PRO A 218 -6.06 1.60 -21.06
CA PRO A 218 -7.50 1.73 -21.27
C PRO A 218 -7.91 2.32 -22.62
N ALA A 219 -9.08 1.95 -23.10
CA ALA A 219 -9.65 2.53 -24.31
C ALA A 219 -9.99 3.99 -24.11
N ASP A 220 -10.13 4.39 -22.86
CA ASP A 220 -10.60 5.72 -22.50
C ASP A 220 -9.77 6.84 -23.15
N PRO A 221 -10.44 7.78 -23.85
CA PRO A 221 -9.73 8.89 -24.48
C PRO A 221 -8.94 9.78 -23.51
N ILE A 222 -9.21 9.68 -22.22
CA ILE A 222 -8.50 10.56 -21.26
C ILE A 222 -6.99 10.33 -21.18
N VAL A 223 -6.55 9.09 -21.43
CA VAL A 223 -5.13 8.75 -21.41
C VAL A 223 -4.38 9.15 -22.67
N GLU A 224 -5.12 9.47 -23.74
CA GLU A 224 -4.58 9.81 -25.05
C GLU A 224 -3.30 10.66 -25.07
N ASP A 225 -3.40 11.87 -24.53
CA ASP A 225 -2.31 12.83 -24.63
C ASP A 225 -1.09 12.45 -23.86
N TYR A 226 -1.18 11.37 -23.09
CA TYR A 226 -0.12 11.00 -22.16
C TYR A 226 0.53 9.70 -22.55
N LEU A 227 0.15 9.14 -23.69
CA LEU A 227 0.78 7.93 -24.21
C LEU A 227 2.25 8.17 -24.56
N PRO A 228 3.10 7.15 -24.40
CA PRO A 228 4.48 7.27 -24.87
C PRO A 228 4.43 7.21 -26.38
N ILE A 229 5.56 7.46 -27.04
CA ILE A 229 5.56 7.46 -28.50
C ILE A 229 6.37 6.33 -29.10
N ASP A 230 7.27 5.76 -28.29
CA ASP A 230 8.17 4.70 -28.74
C ASP A 230 7.96 3.40 -28.00
N LYS A 231 6.72 3.08 -27.69
CA LYS A 231 6.49 1.85 -26.96
C LYS A 231 5.46 0.98 -27.64
N LYS A 232 5.38 -0.29 -27.27
CA LYS A 232 4.33 -1.13 -27.80
C LYS A 232 3.06 -0.98 -26.97
N VAL A 233 2.16 -0.11 -27.41
CA VAL A 233 0.93 0.10 -26.67
C VAL A 233 -0.26 -0.72 -27.18
N VAL A 234 -0.79 -1.54 -26.27
CA VAL A 234 -1.93 -2.38 -26.56
C VAL A 234 -3.11 -1.91 -25.70
N ARG A 235 -4.09 -1.23 -26.30
CA ARG A 235 -5.28 -0.81 -25.58
C ARG A 235 -6.29 -1.92 -25.32
N PHE A 236 -6.99 -1.84 -24.18
CA PHE A 236 -8.04 -2.81 -23.83
C PHE A 236 -9.33 -2.06 -23.55
N GLY A 237 -10.45 -2.76 -23.66
CA GLY A 237 -11.76 -2.14 -23.53
C GLY A 237 -12.66 -2.32 -24.75
N GLN A 238 -13.95 -2.11 -24.56
CA GLN A 238 -14.93 -2.26 -25.64
C GLN A 238 -14.47 -1.57 -26.91
N GLY A 239 -14.50 -2.32 -28.00
CA GLY A 239 -14.10 -1.80 -29.29
C GLY A 239 -12.59 -1.74 -29.54
N ALA A 240 -11.78 -1.97 -28.51
CA ALA A 240 -10.33 -1.87 -28.67
C ALA A 240 -9.66 -3.17 -29.11
N GLU A 241 -8.32 -3.16 -29.16
CA GLU A 241 -7.55 -4.33 -29.58
C GLU A 241 -7.73 -5.54 -28.66
N LEU A 242 -8.23 -5.30 -27.45
CA LEU A 242 -8.63 -6.41 -26.58
C LEU A 242 -9.96 -6.08 -25.93
N GLU A 243 -10.92 -7.01 -25.98
CA GLU A 243 -12.18 -6.77 -25.29
C GLU A 243 -12.85 -8.02 -24.86
N ILE A 244 -13.54 -7.96 -23.72
CA ILE A 244 -14.40 -9.05 -23.27
C ILE A 244 -15.65 -9.05 -24.16
N THR A 245 -15.87 -10.17 -24.86
CA THR A 245 -16.95 -10.26 -25.84
C THR A 245 -18.18 -10.96 -25.28
N ASP A 246 -18.07 -11.37 -24.03
CA ASP A 246 -19.21 -11.94 -23.33
C ASP A 246 -18.90 -12.18 -21.85
N LEU A 247 -19.95 -12.20 -21.04
CA LEU A 247 -19.78 -12.12 -19.60
C LEU A 247 -21.00 -12.67 -18.88
N VAL A 248 -20.72 -13.42 -17.82
CA VAL A 248 -21.77 -13.95 -16.98
C VAL A 248 -21.27 -13.86 -15.55
N GLU A 249 -21.99 -13.12 -14.71
CA GLU A 249 -21.63 -12.95 -13.30
C GLU A 249 -22.64 -13.64 -12.41
N ARG A 250 -22.19 -14.64 -11.67
CA ARG A 250 -23.05 -15.41 -10.77
C ARG A 250 -22.94 -14.85 -9.36
N LYS A 251 -23.64 -15.48 -8.41
CA LYS A 251 -23.61 -15.08 -6.99
C LYS A 251 -22.18 -14.84 -6.49
N ASP A 252 -21.31 -15.83 -6.71
CA ASP A 252 -19.90 -15.74 -6.30
C ASP A 252 -18.94 -15.83 -7.49
N SER A 253 -19.29 -16.63 -8.50
CA SER A 253 -18.41 -16.91 -9.64
C SER A 253 -18.72 -16.05 -10.87
N LEU A 254 -17.91 -16.24 -11.91
CA LEU A 254 -17.94 -15.39 -13.10
C LEU A 254 -17.21 -16.07 -14.23
N THR A 255 -17.85 -16.10 -15.40
CA THR A 255 -17.28 -16.73 -16.59
C THR A 255 -17.19 -15.65 -17.68
N PHE A 256 -16.16 -15.69 -18.53
CA PHE A 256 -16.07 -14.73 -19.64
C PHE A 256 -15.14 -15.17 -20.76
N LYS A 257 -15.39 -14.63 -21.96
CA LYS A 257 -14.56 -14.85 -23.17
C LYS A 257 -13.92 -13.56 -23.75
N ALA A 258 -12.63 -13.60 -23.97
CA ALA A 258 -11.94 -12.49 -24.60
C ALA A 258 -11.63 -12.79 -26.07
N ASN A 259 -11.87 -11.82 -26.95
CA ASN A 259 -11.52 -11.98 -28.36
C ASN A 259 -10.21 -12.76 -28.60
N PHE A 260 -9.12 -12.41 -27.95
CA PHE A 260 -7.85 -13.08 -28.23
C PHE A 260 -7.63 -14.41 -27.49
N LEU A 261 -8.68 -14.91 -26.84
CA LEU A 261 -8.60 -16.21 -26.17
C LEU A 261 -9.60 -17.13 -26.83
N GLU A 262 -9.16 -18.37 -27.06
CA GLU A 262 -9.98 -19.37 -27.76
C GLU A 262 -11.04 -20.03 -26.85
N GLN A 263 -10.79 -20.00 -25.54
CA GLN A 263 -11.70 -20.61 -24.59
C GLN A 263 -12.19 -19.60 -23.57
N ALA A 264 -13.32 -19.90 -22.96
CA ALA A 264 -13.85 -19.11 -21.85
C ALA A 264 -12.90 -19.15 -20.65
N LEU A 265 -13.09 -18.20 -19.73
CA LEU A 265 -12.35 -18.22 -18.48
C LEU A 265 -13.27 -18.22 -17.26
N ASP A 266 -12.80 -18.82 -16.19
CA ASP A 266 -13.56 -18.89 -14.94
C ASP A 266 -12.84 -18.39 -13.69
N LEU A 267 -13.49 -17.41 -13.05
CA LEU A 267 -13.00 -16.78 -11.84
C LEU A 267 -14.05 -16.92 -10.76
N PRO A 268 -13.63 -17.27 -9.54
CA PRO A 268 -14.54 -17.19 -8.39
C PRO A 268 -14.65 -15.77 -7.82
N VAL A 269 -15.04 -14.81 -8.67
CA VAL A 269 -15.24 -13.40 -8.28
C VAL A 269 -16.45 -12.76 -8.98
N THR A 270 -16.69 -11.47 -8.74
CA THR A 270 -17.81 -10.77 -9.38
C THR A 270 -17.45 -9.30 -9.70
N GLY A 271 -18.10 -8.73 -10.71
CA GLY A 271 -17.87 -7.33 -11.11
C GLY A 271 -17.12 -7.25 -12.43
N LYS A 272 -17.65 -6.48 -13.38
CA LYS A 272 -17.09 -6.36 -14.75
C LYS A 272 -15.60 -6.04 -14.74
N TYR A 273 -15.23 -5.17 -13.81
CA TYR A 273 -13.86 -4.73 -13.59
C TYR A 273 -12.91 -5.88 -13.22
N ASN A 274 -13.45 -6.95 -12.63
CA ASN A 274 -12.62 -8.13 -12.31
C ASN A 274 -12.32 -8.98 -13.53
N ALA A 275 -13.25 -9.00 -14.47
CA ALA A 275 -13.03 -9.67 -15.71
C ALA A 275 -11.95 -8.89 -16.49
N THR A 276 -12.10 -7.58 -16.57
CA THR A 276 -11.09 -6.76 -17.24
C THR A 276 -9.73 -6.97 -16.59
N ASN A 277 -9.68 -7.00 -15.25
CA ASN A 277 -8.41 -7.26 -14.59
C ASN A 277 -7.87 -8.60 -15.06
N ALA A 278 -8.73 -9.62 -14.99
CA ALA A 278 -8.34 -10.97 -15.43
C ALA A 278 -7.83 -11.06 -16.88
N MET A 279 -8.48 -10.38 -17.81
CA MET A 279 -8.02 -10.43 -19.19
C MET A 279 -6.61 -9.87 -19.41
N ILE A 280 -6.39 -8.63 -19.00
CA ILE A 280 -5.08 -7.99 -19.20
C ILE A 280 -3.94 -8.74 -18.50
N ALA A 281 -4.16 -9.13 -17.24
CA ALA A 281 -3.16 -9.96 -16.53
C ALA A 281 -2.92 -11.19 -17.37
N SER A 282 -4.00 -11.68 -17.95
CA SER A 282 -4.03 -12.86 -18.78
C SER A 282 -3.26 -12.68 -20.08
N TYR A 283 -3.35 -11.49 -20.65
CA TYR A 283 -2.65 -11.22 -21.89
C TYR A 283 -1.12 -11.08 -21.73
N VAL A 284 -0.67 -10.38 -20.69
CA VAL A 284 0.77 -10.27 -20.47
C VAL A 284 1.34 -11.66 -20.18
N ALA A 285 0.63 -12.44 -19.39
CA ALA A 285 1.08 -13.81 -19.09
C ALA A 285 1.35 -14.63 -20.38
N LEU A 286 0.50 -14.47 -21.39
CA LEU A 286 0.74 -15.10 -22.69
C LEU A 286 2.07 -14.66 -23.28
N GLN A 287 2.31 -13.35 -23.25
CA GLN A 287 3.57 -12.78 -23.73
C GLN A 287 4.79 -13.37 -23.04
N GLU A 288 4.61 -13.96 -21.87
CA GLU A 288 5.73 -14.49 -21.11
C GLU A 288 5.83 -16.01 -21.18
N GLY A 289 5.02 -16.61 -22.04
CA GLY A 289 5.23 -18.00 -22.40
C GLY A 289 4.45 -18.99 -21.57
N VAL A 290 3.36 -18.51 -20.97
CA VAL A 290 2.44 -19.32 -20.15
C VAL A 290 1.29 -19.74 -21.06
N SER A 291 0.93 -21.02 -21.04
CA SER A 291 -0.13 -21.52 -21.93
C SER A 291 -1.54 -21.11 -21.49
N GLU A 292 -2.44 -20.92 -22.46
CA GLU A 292 -3.83 -20.65 -22.13
C GLU A 292 -4.40 -21.83 -21.36
N GLU A 293 -3.86 -23.01 -21.59
CA GLU A 293 -4.16 -24.16 -20.75
C GLU A 293 -3.82 -23.87 -19.28
N GLN A 294 -2.56 -23.53 -19.05
CA GLN A 294 -2.01 -23.29 -17.72
C GLN A 294 -2.73 -22.15 -17.00
N ILE A 295 -3.38 -21.30 -17.80
CA ILE A 295 -4.03 -20.11 -17.29
C ILE A 295 -5.43 -20.40 -16.89
N ARG A 296 -6.23 -21.01 -17.75
CA ARG A 296 -7.55 -21.45 -17.31
C ARG A 296 -7.47 -22.14 -15.95
N LEU A 297 -6.49 -23.04 -15.81
CA LEU A 297 -6.36 -23.85 -14.60
C LEU A 297 -5.95 -22.99 -13.41
N ALA A 298 -5.12 -22.00 -13.64
CA ALA A 298 -4.69 -21.13 -12.55
C ALA A 298 -5.84 -20.31 -12.02
N PHE A 299 -6.68 -19.81 -12.93
CA PHE A 299 -7.82 -18.99 -12.52
C PHE A 299 -8.78 -19.84 -11.74
N GLN A 300 -8.67 -21.13 -11.99
CA GLN A 300 -9.45 -22.11 -11.26
C GLN A 300 -9.38 -21.82 -9.75
N HIS A 301 -8.19 -21.62 -9.22
CA HIS A 301 -8.05 -21.47 -7.78
C HIS A 301 -7.35 -20.21 -7.40
N LEU A 302 -8.10 -19.12 -7.52
CA LEU A 302 -7.61 -17.76 -7.30
C LEU A 302 -7.82 -17.24 -5.85
N GLU A 303 -7.02 -16.25 -5.47
CA GLU A 303 -6.95 -15.75 -4.09
C GLU A 303 -7.51 -14.35 -3.95
N LEU A 304 -8.67 -14.25 -3.31
CA LEU A 304 -9.19 -12.97 -2.81
C LEU A 304 -8.33 -12.49 -1.64
N THR A 305 -7.97 -11.19 -1.68
CA THR A 305 -7.22 -10.54 -0.59
C THR A 305 -8.10 -9.83 0.48
N ARG A 306 -7.48 -8.92 1.23
CA ARG A 306 -8.25 -8.01 2.05
C ARG A 306 -8.63 -6.85 1.15
N ASN A 307 -9.87 -6.39 1.28
CA ASN A 307 -10.42 -5.32 0.43
C ASN A 307 -9.52 -4.07 0.49
N ARG A 308 -8.86 -3.77 -0.63
CA ARG A 308 -7.85 -2.70 -0.69
C ARG A 308 -8.43 -1.33 -0.36
N THR A 309 -8.27 -0.94 0.91
CA THR A 309 -9.16 0.04 1.55
C THR A 309 -9.40 1.36 0.79
N GLU A 310 -10.48 1.37 0.02
CA GLU A 310 -11.04 2.59 -0.53
C GLU A 310 -12.12 3.11 0.43
N TRP A 311 -13.04 3.89 -0.12
CA TRP A 311 -14.19 4.35 0.62
C TRP A 311 -15.29 3.37 0.38
N LYS A 312 -16.18 3.22 1.35
CA LYS A 312 -17.41 2.47 1.13
C LYS A 312 -18.62 3.38 1.45
N LYS A 313 -19.76 2.81 1.86
CA LYS A 313 -20.91 3.61 2.30
C LYS A 313 -21.82 2.93 3.34
N ALA A 314 -22.18 3.68 4.38
CA ALA A 314 -23.06 3.18 5.43
C ALA A 314 -24.53 3.30 5.00
N ALA A 315 -25.44 2.99 5.92
CA ALA A 315 -26.86 2.92 5.60
C ALA A 315 -27.58 4.28 5.70
N ASN A 316 -26.85 5.36 5.43
CA ASN A 316 -27.45 6.70 5.31
C ASN A 316 -26.81 7.52 4.18
N GLY A 317 -25.83 6.93 3.50
CA GLY A 317 -25.15 7.58 2.39
C GLY A 317 -23.86 8.28 2.78
N ALA A 318 -23.49 8.18 4.06
CA ALA A 318 -22.26 8.80 4.55
C ALA A 318 -21.01 8.01 4.20
N ASP A 319 -19.98 8.72 3.75
CA ASP A 319 -18.73 8.09 3.34
C ASP A 319 -17.88 7.52 4.50
N ILE A 320 -17.71 6.20 4.49
CA ILE A 320 -16.85 5.49 5.43
C ILE A 320 -15.48 5.32 4.80
N LEU A 321 -14.44 5.44 5.61
CA LEU A 321 -13.10 5.10 5.20
C LEU A 321 -12.53 4.25 6.32
N SER A 322 -12.65 2.93 6.19
CA SER A 322 -12.06 2.01 7.15
C SER A 322 -10.77 1.41 6.62
N ASP A 323 -9.68 1.55 7.37
CA ASP A 323 -8.38 1.07 6.94
C ASP A 323 -7.88 -0.10 7.78
N VAL A 324 -8.03 -1.31 7.25
CA VAL A 324 -7.56 -2.50 7.95
C VAL A 324 -6.05 -2.65 7.83
N TYR A 325 -5.53 -2.35 6.64
CA TYR A 325 -4.12 -2.57 6.26
C TYR A 325 -3.12 -1.81 7.13
N ASN A 326 -2.08 -2.52 7.56
CA ASN A 326 -0.98 -1.94 8.33
C ASN A 326 -1.36 -1.49 9.70
N ALA A 327 -1.10 -2.37 10.66
CA ALA A 327 -1.33 -2.09 12.07
C ALA A 327 -0.03 -1.55 12.69
N ASN A 328 0.11 -0.23 12.72
CA ASN A 328 1.32 0.43 13.22
C ASN A 328 1.16 1.92 13.22
N PRO A 329 1.89 2.63 14.08
CA PRO A 329 1.61 4.04 14.30
C PRO A 329 1.82 4.90 13.06
N THR A 330 2.95 4.80 12.39
CA THR A 330 3.16 5.63 11.19
C THR A 330 1.97 5.52 10.23
N ALA A 331 1.39 4.33 10.14
CA ALA A 331 0.20 4.11 9.31
C ALA A 331 -1.03 4.78 9.91
N MET A 332 -1.11 4.85 11.21
CA MET A 332 -2.16 5.63 11.80
C MET A 332 -1.96 7.11 11.46
N LYS A 333 -0.72 7.58 11.61
CA LYS A 333 -0.42 8.98 11.33
C LYS A 333 -0.76 9.30 9.88
N LEU A 334 -0.31 8.44 8.98
CA LEU A 334 -0.40 8.74 7.56
C LEU A 334 -1.83 8.88 7.09
N ILE A 335 -2.71 8.06 7.63
CA ILE A 335 -4.10 8.07 7.22
C ILE A 335 -4.81 9.28 7.81
N LEU A 336 -4.50 9.61 9.06
CA LEU A 336 -5.04 10.80 9.67
C LEU A 336 -4.77 12.02 8.78
N GLU A 337 -3.60 12.05 8.15
CA GLU A 337 -3.21 13.19 7.33
C GLU A 337 -3.93 13.16 6.01
N THR A 338 -4.06 11.95 5.47
CA THR A 338 -4.88 11.70 4.29
C THR A 338 -6.33 12.08 4.57
N PHE A 339 -6.88 11.60 5.66
CA PHE A 339 -8.27 11.88 5.97
C PHE A 339 -8.49 13.38 6.04
N SER A 340 -7.79 14.02 6.97
CA SER A 340 -7.94 15.47 7.18
C SER A 340 -7.46 16.34 6.00
N ALA A 341 -6.63 15.77 5.12
CA ALA A 341 -6.20 16.51 3.91
C ALA A 341 -7.34 16.62 2.91
N ILE A 342 -8.22 15.62 2.91
CA ILE A 342 -9.39 15.62 2.05
C ILE A 342 -10.39 16.68 2.57
N PRO A 343 -11.04 17.40 1.62
CA PRO A 343 -12.17 18.31 1.91
C PRO A 343 -13.44 17.55 2.36
N ALA A 344 -14.20 18.12 3.29
CA ALA A 344 -15.48 17.53 3.74
C ALA A 344 -16.60 17.77 2.75
N ASN A 345 -17.59 16.88 2.72
CA ASN A 345 -18.72 17.05 1.81
C ASN A 345 -19.54 18.25 2.27
N GLU A 346 -20.27 18.87 1.34
CA GLU A 346 -21.02 20.10 1.65
C GLU A 346 -22.18 19.85 2.62
N GLY A 347 -22.16 20.60 3.73
CA GLY A 347 -23.11 20.41 4.82
C GLY A 347 -22.90 19.08 5.52
N GLY A 348 -21.64 18.76 5.82
CA GLY A 348 -21.27 17.47 6.38
C GLY A 348 -19.88 17.55 6.96
N LYS A 349 -19.69 16.90 8.10
CA LYS A 349 -18.46 17.08 8.87
C LYS A 349 -17.44 15.94 8.73
N LYS A 350 -16.61 15.73 9.74
CA LYS A 350 -15.45 14.86 9.67
C LYS A 350 -15.26 14.14 10.98
N ILE A 351 -15.63 12.87 11.07
CA ILE A 351 -15.45 12.15 12.32
C ILE A 351 -14.25 11.20 12.26
N ALA A 352 -13.63 10.93 13.40
CA ALA A 352 -12.57 9.93 13.46
C ALA A 352 -12.82 9.02 14.63
N VAL A 353 -12.83 7.73 14.36
CA VAL A 353 -12.87 6.72 15.41
C VAL A 353 -11.51 6.08 15.45
N LEU A 354 -10.76 6.34 16.52
CA LEU A 354 -9.45 5.71 16.68
C LEU A 354 -9.51 4.68 17.78
N ALA A 355 -8.85 3.56 17.57
CA ALA A 355 -8.89 2.51 18.58
C ALA A 355 -7.47 2.02 18.87
N ASP A 356 -7.28 1.49 20.08
CA ASP A 356 -6.00 0.98 20.52
C ASP A 356 -5.29 0.27 19.40
N MET A 357 -4.04 0.65 19.19
CA MET A 357 -3.16 -0.16 18.36
C MET A 357 -2.51 -1.20 19.29
N LYS A 358 -1.96 -2.26 18.72
CA LYS A 358 -1.42 -3.34 19.52
C LYS A 358 0.09 -3.51 19.33
N GLU A 359 0.66 -4.48 20.02
CA GLU A 359 2.07 -4.83 19.91
C GLU A 359 3.03 -3.66 19.94
N LEU A 360 2.79 -2.72 20.85
CA LEU A 360 3.76 -1.65 21.05
C LEU A 360 4.54 -1.78 22.39
N GLY A 361 4.41 -2.95 23.03
CA GLY A 361 5.07 -3.22 24.31
C GLY A 361 5.13 -2.00 25.21
N ASP A 362 6.34 -1.62 25.61
CA ASP A 362 6.58 -0.56 26.60
C ASP A 362 6.65 0.84 25.97
N GLN A 363 5.87 1.06 24.93
CA GLN A 363 5.88 2.32 24.21
C GLN A 363 4.46 2.68 23.78
N SER A 364 3.54 1.74 23.97
CA SER A 364 2.17 1.92 23.53
C SER A 364 1.70 3.33 23.82
N VAL A 365 1.61 3.65 25.11
CA VAL A 365 1.01 4.91 25.55
C VAL A 365 1.75 6.16 25.01
N GLN A 366 3.09 6.17 25.05
CA GLN A 366 3.85 7.22 24.38
C GLN A 366 3.36 7.35 22.94
N LEU A 367 3.31 6.21 22.25
CA LEU A 367 3.06 6.20 20.82
C LEU A 367 1.65 6.63 20.45
N HIS A 368 0.67 6.25 21.28
CA HIS A 368 -0.69 6.71 21.06
C HIS A 368 -0.84 8.20 21.21
N ASN A 369 -0.13 8.79 22.18
CA ASN A 369 -0.13 10.26 22.40
C ASN A 369 0.44 10.98 21.21
N GLN A 370 1.57 10.48 20.71
CA GLN A 370 2.24 10.99 19.50
C GLN A 370 1.29 11.34 18.37
N MET A 371 0.09 10.76 18.40
CA MET A 371 -0.89 10.97 17.34
C MET A 371 -1.47 12.37 17.40
N ILE A 372 -1.29 13.02 18.54
CA ILE A 372 -1.92 14.29 18.76
C ILE A 372 -1.42 15.27 17.74
N LEU A 373 -0.17 15.11 17.34
CA LEU A 373 0.46 16.03 16.40
C LEU A 373 -0.18 15.94 15.04
N SER A 374 -1.00 14.90 14.83
CA SER A 374 -1.73 14.77 13.59
C SER A 374 -3.24 15.02 13.75
N LEU A 375 -3.64 15.59 14.89
CA LEU A 375 -5.07 15.88 15.12
C LEU A 375 -5.44 17.38 15.16
N SER A 376 -6.02 17.88 14.07
CA SER A 376 -6.41 19.29 14.00
C SER A 376 -7.88 19.47 14.31
N PRO A 377 -8.20 20.48 15.13
CA PRO A 377 -9.57 20.88 15.41
C PRO A 377 -10.13 21.56 14.20
N ASP A 378 -9.25 22.23 13.46
CA ASP A 378 -9.63 22.91 12.23
C ASP A 378 -10.38 21.96 11.32
N VAL A 379 -9.78 20.81 11.02
CA VAL A 379 -10.41 19.92 10.08
C VAL A 379 -11.33 18.87 10.72
N LEU A 380 -10.99 18.40 11.91
CA LEU A 380 -11.70 17.30 12.53
C LEU A 380 -12.74 17.82 13.54
N ASP A 381 -14.01 17.59 13.22
CA ASP A 381 -15.13 18.11 14.02
C ASP A 381 -15.40 17.29 15.31
N ILE A 382 -15.41 15.96 15.20
CA ILE A 382 -15.55 15.06 16.35
C ILE A 382 -14.55 13.93 16.34
N VAL A 383 -14.04 13.54 17.51
CA VAL A 383 -12.99 12.53 17.58
C VAL A 383 -13.23 11.49 18.67
N ILE A 384 -13.50 10.26 18.24
CA ILE A 384 -13.92 9.23 19.18
C ILE A 384 -12.84 8.21 19.49
N PHE A 385 -12.42 8.15 20.76
CA PHE A 385 -11.38 7.20 21.17
C PHE A 385 -11.96 5.99 21.90
N TYR A 386 -11.55 4.80 21.48
CA TYR A 386 -12.07 3.55 22.04
C TYR A 386 -10.91 2.66 22.42
N GLY A 387 -11.03 1.94 23.53
CA GLY A 387 -9.88 1.22 24.08
C GLY A 387 -9.34 1.79 25.40
N GLU A 388 -8.13 1.38 25.76
CA GLU A 388 -7.52 1.82 27.00
C GLU A 388 -6.28 2.72 26.79
N ASP A 389 -5.24 2.20 26.14
CA ASP A 389 -3.98 2.92 25.92
C ASP A 389 -4.13 4.25 25.18
N ILE A 390 -5.23 4.38 24.46
CA ILE A 390 -5.58 5.63 23.81
C ILE A 390 -5.92 6.75 24.83
N ALA A 391 -6.53 6.36 25.96
CA ALA A 391 -6.74 7.19 27.17
C ALA A 391 -6.14 8.60 27.21
N GLN A 392 -4.87 8.72 27.58
CA GLN A 392 -4.20 10.02 27.60
C GLN A 392 -4.35 10.83 26.31
N LEU A 393 -4.32 10.16 25.16
CA LEU A 393 -4.56 10.86 23.89
C LEU A 393 -5.97 11.47 23.90
N ALA A 394 -6.96 10.67 24.28
CA ALA A 394 -8.32 11.18 24.43
C ALA A 394 -8.32 12.39 25.36
N GLN A 395 -7.50 12.34 26.40
CA GLN A 395 -7.40 13.47 27.33
C GLN A 395 -6.78 14.67 26.61
N LEU A 396 -5.71 14.42 25.88
CA LEU A 396 -5.00 15.49 25.21
C LEU A 396 -5.95 16.20 24.30
N ALA A 397 -6.60 15.42 23.44
CA ALA A 397 -7.54 15.95 22.47
C ALA A 397 -8.65 16.79 23.13
N SER A 398 -9.17 16.34 24.27
CA SER A 398 -10.25 17.07 24.94
C SER A 398 -9.79 18.47 25.36
N GLN A 399 -8.51 18.60 25.68
CA GLN A 399 -7.87 19.89 25.88
C GLN A 399 -7.84 20.71 24.60
N MET A 400 -7.16 20.20 23.58
CA MET A 400 -6.95 20.94 22.32
C MET A 400 -8.23 21.22 21.53
N PHE A 401 -9.29 20.46 21.83
CA PHE A 401 -10.52 20.52 21.07
C PHE A 401 -11.67 21.27 21.73
N PRO A 402 -12.55 21.86 20.92
CA PRO A 402 -13.74 22.50 21.45
C PRO A 402 -14.56 21.58 22.38
N ILE A 403 -15.23 22.17 23.37
CA ILE A 403 -16.10 21.46 24.31
C ILE A 403 -17.04 20.49 23.62
N GLY A 404 -17.03 19.25 24.10
CA GLY A 404 -17.93 18.20 23.63
C GLY A 404 -17.70 17.82 22.17
N HIS A 405 -16.45 17.86 21.73
CA HIS A 405 -16.08 17.40 20.41
C HIS A 405 -15.32 16.11 20.48
N VAL A 406 -15.17 15.59 21.68
CA VAL A 406 -14.37 14.40 21.89
C VAL A 406 -15.23 13.45 22.72
N TYR A 407 -15.12 12.15 22.48
CA TYR A 407 -15.76 11.12 23.34
C TYR A 407 -14.76 10.01 23.64
N TYR A 408 -14.72 9.55 24.87
CA TYR A 408 -13.88 8.41 25.18
C TYR A 408 -14.74 7.22 25.47
N PHE A 409 -14.23 6.03 25.14
CA PHE A 409 -14.89 4.78 25.53
C PHE A 409 -13.90 3.72 26.01
N LYS A 410 -14.17 3.19 27.19
CA LYS A 410 -13.25 2.26 27.85
C LYS A 410 -13.27 0.86 27.22
N LYS A 411 -12.13 0.19 27.25
CA LYS A 411 -12.07 -1.24 26.99
C LYS A 411 -10.87 -1.81 27.73
N THR A 412 -11.15 -2.70 28.69
CA THR A 412 -10.12 -3.34 29.51
C THR A 412 -10.43 -4.83 29.76
N GLU A 413 -9.82 -5.38 30.80
CA GLU A 413 -10.13 -6.71 31.27
C GLU A 413 -11.29 -6.67 32.28
N ASP A 414 -11.84 -5.48 32.53
CA ASP A 414 -12.90 -5.32 33.52
C ASP A 414 -14.17 -4.62 33.00
N GLN A 415 -14.04 -3.84 31.94
CA GLN A 415 -15.20 -3.21 31.30
C GLN A 415 -15.05 -3.07 29.78
N ASP A 416 -16.18 -2.99 29.07
CA ASP A 416 -16.19 -2.80 27.62
C ASP A 416 -17.38 -1.94 27.16
N GLN A 417 -17.16 -0.62 27.09
CA GLN A 417 -18.20 0.34 26.71
C GLN A 417 -18.49 0.35 25.21
N PHE A 418 -18.38 -0.82 24.58
CA PHE A 418 -18.63 -0.93 23.15
C PHE A 418 -20.08 -0.62 22.83
N GLU A 419 -20.99 -1.16 23.63
CA GLU A 419 -22.41 -0.88 23.47
C GLU A 419 -22.70 0.62 23.32
N ASP A 420 -21.98 1.43 24.08
CA ASP A 420 -22.18 2.88 24.10
C ASP A 420 -21.49 3.52 22.92
N LEU A 421 -20.29 3.04 22.61
CA LEU A 421 -19.54 3.55 21.46
C LEU A 421 -20.50 3.62 20.28
N VAL A 422 -21.11 2.48 19.96
CA VAL A 422 -21.97 2.37 18.80
C VAL A 422 -23.10 3.39 18.87
N LYS A 423 -23.75 3.44 20.02
CA LYS A 423 -24.85 4.37 20.20
C LYS A 423 -24.42 5.77 19.84
N GLN A 424 -23.24 6.17 20.33
CA GLN A 424 -22.73 7.50 20.06
C GLN A 424 -22.43 7.73 18.57
N VAL A 425 -21.65 6.84 17.98
CA VAL A 425 -21.28 6.97 16.58
C VAL A 425 -22.51 7.11 15.70
N LYS A 426 -23.55 6.32 15.99
CA LYS A 426 -24.75 6.37 15.18
C LYS A 426 -25.65 7.54 15.53
N GLU A 427 -25.10 8.50 16.26
CA GLU A 427 -25.83 9.73 16.53
C GLU A 427 -25.05 10.87 15.92
N SER A 428 -23.74 10.68 15.82
CA SER A 428 -22.83 11.69 15.31
C SER A 428 -22.87 11.74 13.78
N LEU A 429 -23.08 10.56 13.17
CA LEU A 429 -22.99 10.40 11.73
C LEU A 429 -24.23 10.91 10.98
N GLY A 430 -24.01 11.68 9.91
CA GLY A 430 -25.09 12.28 9.15
C GLY A 430 -24.93 12.00 7.67
N ALA A 431 -25.97 12.34 6.91
CA ALA A 431 -26.07 11.95 5.50
C ALA A 431 -24.93 12.46 4.62
N HIS A 432 -24.15 13.42 5.12
CA HIS A 432 -23.02 13.96 4.36
C HIS A 432 -21.72 13.93 5.10
N ASP A 433 -21.59 12.96 6.01
CA ASP A 433 -20.45 12.93 6.92
C ASP A 433 -19.38 11.90 6.53
N GLN A 434 -18.11 12.25 6.67
CA GLN A 434 -17.00 11.34 6.38
C GLN A 434 -16.41 10.80 7.68
N ILE A 435 -16.27 9.48 7.75
CA ILE A 435 -15.84 8.86 8.99
C ILE A 435 -14.65 7.92 8.79
N LEU A 436 -13.59 8.14 9.56
CA LEU A 436 -12.45 7.23 9.57
C LEU A 436 -12.53 6.27 10.74
N LEU A 437 -12.19 5.01 10.51
CA LEU A 437 -12.13 4.04 11.60
C LEU A 437 -10.81 3.28 11.52
N LYS A 438 -9.87 3.64 12.39
CA LYS A 438 -8.53 3.06 12.33
C LYS A 438 -8.11 2.51 13.69
N GLY A 439 -7.39 1.39 13.67
CA GLY A 439 -6.93 0.71 14.87
C GLY A 439 -6.82 -0.78 14.65
N SER A 440 -6.17 -1.49 15.55
CA SER A 440 -6.05 -2.94 15.44
C SER A 440 -7.38 -3.55 15.01
N ASN A 441 -7.33 -4.43 14.03
CA ASN A 441 -8.48 -5.26 13.72
C ASN A 441 -8.81 -5.94 15.04
N SER A 442 -10.07 -5.82 15.43
CA SER A 442 -10.57 -6.54 16.59
C SER A 442 -11.97 -7.01 16.27
N MET A 443 -12.48 -7.95 17.05
CA MET A 443 -13.86 -8.41 16.89
C MET A 443 -14.86 -7.28 17.06
N ASN A 444 -14.52 -6.34 17.94
CA ASN A 444 -15.41 -5.25 18.29
C ASN A 444 -15.44 -4.12 17.27
N LEU A 445 -14.30 -3.88 16.63
CA LEU A 445 -14.18 -2.85 15.60
C LEU A 445 -14.83 -3.31 14.28
N ALA A 446 -14.58 -4.57 13.92
CA ALA A 446 -15.23 -5.16 12.77
C ALA A 446 -16.73 -5.27 13.03
N LYS A 447 -17.08 -5.42 14.30
CA LYS A 447 -18.48 -5.60 14.72
C LYS A 447 -19.26 -4.31 14.50
N LEU A 448 -18.56 -3.19 14.68
CA LEU A 448 -19.10 -1.84 14.57
C LEU A 448 -19.55 -1.50 13.16
N VAL A 449 -18.66 -1.73 12.19
CA VAL A 449 -18.92 -1.32 10.82
C VAL A 449 -20.10 -2.05 10.17
N GLU A 450 -20.29 -3.34 10.48
CA GLU A 450 -21.45 -4.04 9.90
C GLU A 450 -22.74 -3.43 10.38
N SER A 451 -22.76 -2.96 11.62
CA SER A 451 -23.93 -2.29 12.15
C SER A 451 -24.14 -0.96 11.42
N LEU A 452 -23.07 -0.39 10.88
CA LEU A 452 -23.19 0.84 10.11
C LEU A 452 -23.67 0.59 8.68
N GLU A 453 -23.32 -0.57 8.12
CA GLU A 453 -23.75 -0.91 6.77
C GLU A 453 -25.02 -1.76 6.80
N ASN A 454 -25.61 -1.86 7.99
CA ASN A 454 -26.87 -2.57 8.21
C ASN A 454 -28.01 -1.98 7.38
O25 IGM B . 2.82 1.05 7.06
S21 IGM B . 3.34 2.21 6.42
O24 IGM B . 2.37 3.27 6.56
N23 IGM B . 3.64 2.01 4.92
C27 IGM B . 4.41 0.79 4.62
C29 IGM B . 4.69 0.68 3.13
O31 IGM B . 4.13 1.79 2.42
C30 IGM B . 2.72 1.99 2.60
C28 IGM B . 2.41 2.13 4.10
C18 IGM B . 4.75 2.65 7.22
C22 IGM B . 5.64 3.51 6.61
CL2 IGM B . 5.30 4.12 4.95
C19 IGM B . 6.79 3.88 7.27
C17 IGM B . 7.03 3.40 8.54
CL1 IGM B . 8.52 3.89 9.36
C16 IGM B . 4.98 2.16 8.50
C14 IGM B . 6.14 2.54 9.15
C13 IGM B . 6.37 2.00 10.51
O15 IGM B . 6.28 0.79 10.62
N10 IGM B . 6.63 2.81 11.54
C5 IGM B . 6.83 2.26 12.78
C2 IGM B . 7.08 2.99 14.04
C6 IGM B . 7.17 4.40 14.10
N11 IGM B . 7.31 5.54 14.20
S7 IGM B . 6.81 0.57 13.11
C3 IGM B . 7.12 0.71 14.81
C1 IGM B . 7.27 2.12 15.24
C8 IGM B . 7.25 -0.49 15.68
N12 IGM B . 7.15 -0.06 17.06
C9 IGM B . 6.98 1.32 17.55
C4 IGM B . 7.57 2.41 16.67
C32 IGM B . 7.13 -1.12 18.05
C33 IGM B . 8.02 -0.87 19.24
C38 IGM B . 7.47 -0.96 20.52
C37 IGM B . 8.26 -0.75 21.64
C36 IGM B . 9.62 -0.48 21.50
O39 IGM B . 10.40 -0.28 22.62
C35 IGM B . 10.15 -0.41 20.22
C34 IGM B . 9.37 -0.61 19.10
#